data_6RO6
#
_entry.id   6RO6
#
_cell.length_a   51.910
_cell.length_b   76.800
_cell.length_c   102.320
_cell.angle_alpha   90.000
_cell.angle_beta   90.000
_cell.angle_gamma   90.000
#
_symmetry.space_group_name_H-M   'P 21 21 21'
#
loop_
_entity.id
_entity.type
_entity.pdbx_description
1 polymer 'HTH-type transcriptional regulator DdrOC'
2 non-polymer 'SULFATE ION'
3 water water
#
_entity_poly.entity_id   1
_entity_poly.type   'polypeptide(L)'
_entity_poly.pdbx_seq_one_letter_code
;MEGALPKGLSDLIADPTLGPQITPDWVRTLSRIELRGKRPRDKQDWYEIYLHLKRILS
;
_entity_poly.pdbx_strand_id   A,B,C,D,E,F,G,H
#
# COMPACT_ATOMS: atom_id res chain seq x y z
N GLU A 2 -11.15 -3.50 34.03
CA GLU A 2 -10.82 -3.75 32.64
C GLU A 2 -9.65 -4.75 32.55
N GLY A 3 -9.55 -5.47 31.45
CA GLY A 3 -8.44 -6.39 31.27
C GLY A 3 -7.13 -5.67 31.07
N ALA A 4 -6.04 -6.30 31.51
CA ALA A 4 -4.72 -5.72 31.31
C ALA A 4 -4.41 -5.51 29.85
N LEU A 5 -4.71 -6.52 29.01
CA LEU A 5 -4.52 -6.44 27.59
C LEU A 5 -5.85 -6.15 26.91
N PRO A 6 -5.97 -5.03 26.20
CA PRO A 6 -7.20 -4.73 25.47
C PRO A 6 -7.53 -5.83 24.50
N LYS A 7 -8.83 -6.12 24.37
CA LYS A 7 -9.21 -7.24 23.53
C LYS A 7 -8.90 -6.98 22.05
N GLY A 8 -9.05 -5.75 21.58
CA GLY A 8 -8.67 -5.45 20.22
C GLY A 8 -7.19 -5.60 19.97
N LEU A 9 -6.36 -5.32 20.99
CA LEU A 9 -4.93 -5.54 20.85
C LEU A 9 -4.58 -7.03 20.86
N SER A 10 -5.26 -7.83 21.70
CA SER A 10 -5.18 -9.29 21.58
C SER A 10 -5.49 -9.73 20.15
N ASP A 11 -6.53 -9.17 19.53
CA ASP A 11 -6.86 -9.56 18.17
C ASP A 11 -5.72 -9.21 17.22
N LEU A 12 -5.16 -8.01 17.38
CA LEU A 12 -4.02 -7.57 16.57
C LEU A 12 -2.85 -8.56 16.72
N ILE A 13 -2.49 -8.89 17.98
CA ILE A 13 -1.35 -9.78 18.23
C ILE A 13 -1.61 -11.14 17.59
N ALA A 14 -2.86 -11.62 17.65
CA ALA A 14 -3.18 -12.91 17.08
C ALA A 14 -3.31 -12.88 15.56
N ASP A 15 -3.34 -11.70 14.95
CA ASP A 15 -3.53 -11.59 13.52
C ASP A 15 -2.29 -12.11 12.79
N PRO A 16 -2.43 -13.05 11.86
CA PRO A 16 -1.23 -13.66 11.27
C PRO A 16 -0.42 -12.70 10.39
N THR A 17 -1.06 -11.73 9.75
CA THR A 17 -0.32 -10.83 8.88
C THR A 17 0.30 -9.69 9.68
N LEU A 18 -0.49 -9.11 10.57
CA LEU A 18 -0.06 -7.93 11.31
C LEU A 18 0.54 -8.25 12.67
N GLY A 19 0.07 -9.32 13.31
CA GLY A 19 0.52 -9.63 14.67
C GLY A 19 2.00 -9.76 14.81
N PRO A 20 2.70 -10.43 13.91
CA PRO A 20 4.15 -10.60 14.06
C PRO A 20 4.92 -9.32 14.33
N GLN A 21 4.45 -8.17 13.84
CA GLN A 21 5.22 -6.93 13.91
C GLN A 21 5.24 -6.29 15.29
N ILE A 22 4.44 -6.79 16.21
CA ILE A 22 4.19 -6.10 17.48
C ILE A 22 4.98 -6.86 18.53
N THR A 23 6.14 -6.33 18.92
CA THR A 23 6.92 -6.97 19.96
C THR A 23 6.19 -6.91 21.30
N PRO A 24 6.54 -7.78 22.23
CA PRO A 24 5.90 -7.71 23.56
C PRO A 24 6.03 -6.35 24.22
N ASP A 25 7.16 -5.65 24.04
CA ASP A 25 7.28 -4.33 24.64
C ASP A 25 6.26 -3.39 24.03
N TRP A 26 6.09 -3.46 22.72
CA TRP A 26 5.05 -2.65 22.09
C TRP A 26 3.67 -3.02 22.63
N VAL A 27 3.40 -4.31 22.85
CA VAL A 27 2.11 -4.74 23.43
C VAL A 27 1.88 -4.04 24.75
N ARG A 28 2.88 -4.02 25.60
CA ARG A 28 2.70 -3.44 26.92
C ARG A 28 2.62 -1.90 26.84
N THR A 29 3.37 -1.28 25.92
CA THR A 29 3.25 0.16 25.68
C THR A 29 1.87 0.54 25.19
N LEU A 30 1.37 -0.16 24.17
CA LEU A 30 0.05 0.15 23.66
C LEU A 30 -1.03 -0.10 24.72
N SER A 31 -0.87 -1.14 25.54
CA SER A 31 -1.90 -1.52 26.47
C SER A 31 -2.17 -0.42 27.48
N ARG A 32 -1.22 0.50 27.64
CA ARG A 32 -1.37 1.57 28.61
C ARG A 32 -2.05 2.80 28.04
N ILE A 33 -2.51 2.79 26.78
CA ILE A 33 -3.14 3.93 26.15
C ILE A 33 -4.63 3.88 26.43
N GLU A 34 -5.14 4.86 27.18
CA GLU A 34 -6.56 4.90 27.48
C GLU A 34 -6.89 6.30 27.99
N LEU A 35 -8.13 6.70 27.78
CA LEU A 35 -8.62 8.01 28.22
C LEU A 35 -9.86 7.72 29.03
N ARG A 36 -9.78 7.94 30.34
N ARG A 36 -9.79 7.95 30.35
CA ARG A 36 -10.91 7.72 31.23
CA ARG A 36 -10.92 7.72 31.23
C ARG A 36 -11.50 6.33 31.02
C ARG A 36 -11.50 6.33 31.02
N GLY A 37 -10.62 5.34 30.92
CA GLY A 37 -11.03 3.96 30.75
C GLY A 37 -11.40 3.56 29.33
N LYS A 38 -11.50 4.50 28.42
CA LYS A 38 -11.86 4.23 27.03
C LYS A 38 -10.59 3.88 26.26
N ARG A 39 -10.62 2.76 25.55
CA ARG A 39 -9.49 2.39 24.73
C ARG A 39 -9.86 2.30 23.26
N PRO A 40 -8.88 2.29 22.37
CA PRO A 40 -9.16 1.93 20.97
C PRO A 40 -9.91 0.59 20.91
N ARG A 41 -10.78 0.50 19.92
CA ARG A 41 -11.72 -0.64 19.88
C ARG A 41 -11.19 -1.93 19.24
N ASP A 42 -10.91 -1.88 17.95
CA ASP A 42 -10.67 -3.06 17.15
C ASP A 42 -9.20 -3.13 16.73
N LYS A 43 -8.80 -4.28 16.19
CA LYS A 43 -7.40 -4.50 15.80
C LYS A 43 -6.88 -3.43 14.83
N GLN A 44 -7.69 -3.00 13.87
CA GLN A 44 -7.19 -2.00 12.91
C GLN A 44 -6.94 -0.65 13.57
N ASP A 45 -7.77 -0.29 14.57
CA ASP A 45 -7.56 0.95 15.29
C ASP A 45 -6.24 0.91 16.05
N TRP A 46 -5.95 -0.25 16.68
CA TRP A 46 -4.69 -0.38 17.37
C TRP A 46 -3.53 -0.31 16.40
N TYR A 47 -3.65 -0.97 15.24
CA TYR A 47 -2.54 -0.95 14.30
C TYR A 47 -2.30 0.44 13.78
N GLU A 48 -3.39 1.20 13.56
CA GLU A 48 -3.25 2.58 13.12
C GLU A 48 -2.44 3.38 14.11
N ILE A 49 -2.71 3.20 15.39
CA ILE A 49 -1.96 3.89 16.43
C ILE A 49 -0.52 3.38 16.45
N TYR A 50 -0.35 2.07 16.38
CA TYR A 50 0.99 1.52 16.47
C TYR A 50 1.87 2.06 15.36
N LEU A 51 1.38 2.08 14.13
CA LEU A 51 2.20 2.56 13.04
C LEU A 51 2.65 3.99 13.29
N HIS A 52 1.73 4.86 13.70
CA HIS A 52 2.08 6.26 13.89
C HIS A 52 3.04 6.43 15.06
N LEU A 53 2.74 5.78 16.19
CA LEU A 53 3.62 5.90 17.36
C LEU A 53 5.01 5.31 17.09
N LYS A 54 5.09 4.20 16.34
CA LYS A 54 6.39 3.62 16.04
C LYS A 54 7.23 4.59 15.23
N ARG A 55 6.60 5.29 14.29
CA ARG A 55 7.33 6.23 13.49
C ARG A 55 7.85 7.38 14.35
N ILE A 56 7.04 7.82 15.31
CA ILE A 56 7.45 8.90 16.20
C ILE A 56 8.62 8.47 17.08
N LEU A 57 8.51 7.28 17.70
CA LEU A 57 9.54 6.76 18.60
C LEU A 57 10.69 6.14 17.85
N SER A 58 10.81 6.36 16.55
CA SER A 58 11.81 5.71 15.72
C SER A 58 11.56 4.20 15.65
N GLU B 2 -15.62 25.04 -4.98
CA GLU B 2 -14.88 25.02 -3.72
C GLU B 2 -13.69 25.95 -3.93
N GLY B 3 -13.29 26.67 -2.88
CA GLY B 3 -12.11 27.51 -2.99
C GLY B 3 -10.86 26.68 -3.24
N ALA B 4 -9.91 27.30 -3.93
CA ALA B 4 -8.63 26.65 -4.17
C ALA B 4 -8.00 26.21 -2.87
N LEU B 5 -8.07 27.08 -1.83
CA LEU B 5 -7.66 26.52 -0.56
C LEU B 5 -8.85 26.13 0.30
N PRO B 6 -8.85 24.93 0.87
CA PRO B 6 -9.85 24.62 1.91
C PRO B 6 -9.82 25.70 2.99
N LYS B 7 -11.00 26.04 3.51
CA LYS B 7 -11.07 27.14 4.48
C LYS B 7 -10.28 26.82 5.77
N GLY B 8 -10.34 25.56 6.21
CA GLY B 8 -9.59 25.21 7.39
C GLY B 8 -8.09 25.32 7.17
N LEU B 9 -7.63 25.06 5.95
CA LEU B 9 -6.22 25.18 5.62
C LEU B 9 -5.83 26.65 5.48
N SER B 10 -6.72 27.46 4.90
CA SER B 10 -6.54 28.90 4.95
C SER B 10 -6.44 29.41 6.39
N ASP B 11 -7.29 28.88 7.28
CA ASP B 11 -7.22 29.29 8.68
C ASP B 11 -5.86 28.90 9.29
N LEU B 12 -5.35 27.72 8.93
CA LEU B 12 -4.09 27.26 9.49
C LEU B 12 -2.93 28.13 9.03
N ILE B 13 -2.84 28.38 7.71
CA ILE B 13 -1.81 29.27 7.18
C ILE B 13 -1.84 30.64 7.85
N ALA B 14 -3.03 31.11 8.19
CA ALA B 14 -3.15 32.43 8.76
C ALA B 14 -2.79 32.46 10.24
N ASP B 15 -2.67 31.32 10.86
CA ASP B 15 -2.37 31.27 12.28
C ASP B 15 -0.94 31.72 12.50
N PRO B 16 -0.70 32.76 13.31
CA PRO B 16 0.66 33.31 13.42
C PRO B 16 1.66 32.33 14.01
N THR B 17 1.21 31.35 14.77
CA THR B 17 2.12 30.37 15.35
C THR B 17 2.34 29.19 14.42
N LEU B 18 1.27 28.55 13.95
CA LEU B 18 1.40 27.36 13.11
C LEU B 18 1.58 27.68 11.64
N GLY B 19 1.05 28.81 11.16
CA GLY B 19 1.06 29.15 9.77
C GLY B 19 2.43 29.23 9.11
N PRO B 20 3.37 29.96 9.72
CA PRO B 20 4.56 30.36 8.96
C PRO B 20 5.49 29.22 8.57
N GLN B 21 5.46 28.09 9.31
CA GLN B 21 6.34 26.96 9.01
C GLN B 21 5.86 26.14 7.82
N ILE B 22 4.61 26.30 7.41
CA ILE B 22 4.01 25.53 6.34
C ILE B 22 4.32 26.22 5.02
N THR B 23 5.16 25.57 4.19
CA THR B 23 5.65 26.18 2.97
C THR B 23 4.63 26.03 1.83
N PRO B 24 4.78 26.82 0.77
CA PRO B 24 3.86 26.70 -0.38
C PRO B 24 3.77 25.29 -0.96
N ASP B 25 4.89 24.56 -1.02
CA ASP B 25 4.79 23.18 -1.49
C ASP B 25 3.84 22.38 -0.62
N TRP B 26 3.87 22.60 0.69
CA TRP B 26 2.98 21.87 1.57
C TRP B 26 1.54 22.34 1.46
N VAL B 27 1.32 23.65 1.27
CA VAL B 27 -0.03 24.15 1.02
C VAL B 27 -0.60 23.46 -0.21
N ARG B 28 0.19 23.36 -1.27
CA ARG B 28 -0.27 22.66 -2.47
C ARG B 28 -0.60 21.21 -2.16
N THR B 29 0.31 20.50 -1.47
CA THR B 29 0.09 19.10 -1.14
C THR B 29 -1.19 18.89 -0.37
N LEU B 30 -1.39 19.67 0.70
CA LEU B 30 -2.55 19.50 1.56
C LEU B 30 -3.84 19.89 0.84
N SER B 31 -3.79 20.95 0.04
CA SER B 31 -4.98 21.39 -0.68
C SER B 31 -5.57 20.30 -1.57
N ARG B 32 -4.79 19.32 -1.99
CA ARG B 32 -5.29 18.31 -2.91
C ARG B 32 -5.92 17.11 -2.18
N ILE B 33 -6.05 17.15 -0.86
CA ILE B 33 -6.61 16.04 -0.12
C ILE B 33 -8.13 16.21 0.01
N GLU B 34 -8.88 15.29 -0.58
CA GLU B 34 -10.34 15.37 -0.67
CA GLU B 34 -10.32 15.32 -0.49
C GLU B 34 -10.87 13.95 -0.87
N LEU B 35 -12.00 13.63 -0.26
CA LEU B 35 -12.64 12.33 -0.47
C LEU B 35 -14.05 12.64 -0.95
N ARG B 36 -14.34 12.34 -2.22
CA ARG B 36 -15.64 12.62 -2.80
C ARG B 36 -16.10 14.03 -2.47
N GLY B 37 -15.20 14.97 -2.66
CA GLY B 37 -15.52 16.37 -2.48
C GLY B 37 -15.44 16.86 -1.05
N LYS B 38 -15.21 15.97 -0.09
CA LYS B 38 -15.17 16.34 1.31
C LYS B 38 -13.73 16.55 1.74
N ARG B 39 -13.48 17.68 2.46
CA ARG B 39 -12.16 18.05 2.93
C ARG B 39 -12.13 18.14 4.47
N PRO B 40 -10.95 17.87 5.10
CA PRO B 40 -10.80 18.18 6.54
C PRO B 40 -11.38 19.56 6.84
N ARG B 41 -11.98 19.73 8.00
CA ARG B 41 -12.83 20.89 8.21
C ARG B 41 -12.10 22.07 8.83
N ASP B 42 -11.34 21.85 9.87
CA ASP B 42 -10.82 22.98 10.62
C ASP B 42 -9.30 22.97 10.71
N LYS B 43 -8.77 24.12 11.19
CA LYS B 43 -7.32 24.27 11.17
C LYS B 43 -6.64 23.15 11.95
N GLN B 44 -7.21 22.71 13.08
N GLN B 44 -7.21 22.71 13.08
CA GLN B 44 -6.63 21.60 13.82
CA GLN B 44 -6.63 21.60 13.82
C GLN B 44 -6.58 20.31 13.02
C GLN B 44 -6.58 20.31 13.02
N ASP B 45 -7.63 20.03 12.24
CA ASP B 45 -7.67 18.80 11.44
C ASP B 45 -6.56 18.85 10.41
N TRP B 46 -6.35 20.02 9.80
CA TRP B 46 -5.28 20.17 8.82
C TRP B 46 -3.90 20.04 9.46
N TYR B 47 -3.71 20.62 10.63
CA TYR B 47 -2.41 20.51 11.27
C TYR B 47 -2.10 19.08 11.64
N GLU B 48 -3.13 18.35 12.10
CA GLU B 48 -3.00 16.93 12.43
C GLU B 48 -2.47 16.12 11.26
N ILE B 49 -3.00 16.37 10.06
CA ILE B 49 -2.58 15.71 8.84
C ILE B 49 -1.18 16.12 8.45
N TYR B 50 -0.92 17.43 8.48
CA TYR B 50 0.37 17.95 8.09
C TYR B 50 1.47 17.32 8.93
N LEU B 51 1.30 17.31 10.25
CA LEU B 51 2.37 16.75 11.07
C LEU B 51 2.66 15.30 10.71
N HIS B 52 1.63 14.48 10.53
CA HIS B 52 1.87 13.07 10.22
C HIS B 52 2.48 12.93 8.84
N LEU B 53 1.91 13.60 7.83
CA LEU B 53 2.45 13.48 6.48
C LEU B 53 3.88 13.98 6.38
N LYS B 54 4.21 15.07 7.08
CA LYS B 54 5.59 15.57 7.05
C LYS B 54 6.57 14.53 7.60
N ARG B 55 6.15 13.81 8.63
CA ARG B 55 7.01 12.80 9.19
C ARG B 55 7.29 11.73 8.16
N ILE B 56 6.24 11.33 7.42
CA ILE B 56 6.36 10.26 6.43
C ILE B 56 7.21 10.71 5.25
N LEU B 57 6.98 11.93 4.76
CA LEU B 57 7.58 12.40 3.52
C LEU B 57 8.88 13.17 3.71
N SER B 58 9.31 13.37 4.94
CA SER B 58 10.64 13.92 5.22
C SER B 58 11.57 12.73 5.42
N GLY C 3 9.42 19.70 37.38
CA GLY C 3 8.19 19.00 37.05
C GLY C 3 8.37 17.49 36.89
N ALA C 4 7.27 16.75 36.94
CA ALA C 4 7.30 15.28 36.83
C ALA C 4 6.79 14.76 35.49
N LEU C 5 6.43 15.61 34.59
CA LEU C 5 6.02 15.19 33.26
C LEU C 5 7.24 15.14 32.34
N PRO C 6 7.17 14.38 31.26
CA PRO C 6 8.19 14.50 30.21
C PRO C 6 8.32 15.96 29.80
N LYS C 7 9.56 16.39 29.50
CA LYS C 7 9.78 17.80 29.23
C LYS C 7 8.99 18.28 28.01
N GLY C 8 8.90 17.48 26.97
CA GLY C 8 8.16 17.92 25.80
C GLY C 8 6.69 18.09 26.07
N LEU C 9 6.15 17.29 27.01
CA LEU C 9 4.74 17.42 27.37
C LEU C 9 4.51 18.65 28.23
N SER C 10 5.39 18.89 29.21
CA SER C 10 5.35 20.15 29.97
C SER C 10 5.44 21.34 29.02
N ASP C 11 6.27 21.24 27.98
CA ASP C 11 6.38 22.34 27.02
C ASP C 11 5.06 22.57 26.31
N LEU C 12 4.42 21.48 25.89
CA LEU C 12 3.15 21.58 25.18
C LEU C 12 2.09 22.24 26.05
N ILE C 13 2.04 21.83 27.32
CA ILE C 13 1.02 22.37 28.22
C ILE C 13 1.27 23.84 28.49
N ALA C 14 2.53 24.25 28.52
CA ALA C 14 2.85 25.64 28.73
C ALA C 14 2.68 26.46 27.46
N ASP C 15 2.50 25.84 26.30
CA ASP C 15 2.33 26.63 25.10
C ASP C 15 1.03 27.42 25.20
N PRO C 16 1.06 28.75 25.06
CA PRO C 16 -0.16 29.53 25.34
C PRO C 16 -1.26 29.37 24.31
N THR C 17 -0.95 28.88 23.11
CA THR C 17 -2.00 28.57 22.13
C THR C 17 -2.39 27.10 22.12
N LEU C 18 -1.43 26.19 22.24
CA LEU C 18 -1.73 24.76 22.12
C LEU C 18 -2.12 24.12 23.45
N GLY C 19 -1.59 24.66 24.55
CA GLY C 19 -1.75 24.07 25.87
C GLY C 19 -3.17 24.08 26.39
N PRO C 20 -3.83 25.24 26.35
CA PRO C 20 -5.09 25.37 27.10
C PRO C 20 -6.16 24.37 26.70
N GLN C 21 -6.15 23.89 25.46
CA GLN C 21 -7.17 22.94 25.05
C GLN C 21 -6.95 21.55 25.65
N ILE C 22 -5.74 21.26 26.12
CA ILE C 22 -5.38 19.91 26.54
C ILE C 22 -5.81 19.72 28.00
N THR C 23 -6.76 18.84 28.23
CA THR C 23 -7.33 18.69 29.55
C THR C 23 -6.38 17.87 30.44
N PRO C 24 -6.59 17.92 31.75
CA PRO C 24 -5.75 17.11 32.65
C PRO C 24 -5.83 15.62 32.35
N ASP C 25 -7.02 15.12 31.98
CA ASP C 25 -7.17 13.73 31.59
C ASP C 25 -6.26 13.40 30.41
N TRP C 26 -6.17 14.27 29.40
CA TRP C 26 -5.27 14.03 28.29
C TRP C 26 -3.79 14.03 28.70
N VAL C 27 -3.39 14.93 29.59
CA VAL C 27 -2.03 14.93 30.09
C VAL C 27 -1.71 13.58 30.70
N ARG C 28 -2.61 13.09 31.54
CA ARG C 28 -2.41 11.78 32.14
C ARG C 28 -2.30 10.68 31.08
N THR C 29 -3.21 10.66 30.13
CA THR C 29 -3.16 9.66 29.08
C THR C 29 -1.83 9.74 28.36
N LEU C 30 -1.44 10.94 27.93
CA LEU C 30 -0.22 11.10 27.17
C LEU C 30 0.98 10.72 28.00
N SER C 31 0.98 11.10 29.28
CA SER C 31 2.14 10.84 30.12
C SER C 31 2.44 9.36 30.26
N ARG C 32 1.49 8.47 29.96
CA ARG C 32 1.72 7.05 30.12
C ARG C 32 2.31 6.41 28.86
N ILE C 33 2.58 7.19 27.82
CA ILE C 33 3.07 6.65 26.57
C ILE C 33 4.58 6.61 26.62
N GLU C 34 5.12 5.40 26.65
CA GLU C 34 6.55 5.22 26.61
C GLU C 34 6.89 3.81 26.17
N LEU C 35 8.06 3.67 25.58
CA LEU C 35 8.56 2.40 25.10
C LEU C 35 9.98 2.30 25.64
N ARG C 36 10.17 1.45 26.65
CA ARG C 36 11.47 1.35 27.33
C ARG C 36 12.05 2.71 27.69
N GLY C 37 11.19 3.63 28.14
CA GLY C 37 11.60 4.98 28.48
C GLY C 37 11.71 5.95 27.31
N LYS C 38 11.63 5.47 26.08
CA LYS C 38 11.62 6.36 24.92
C LYS C 38 10.21 6.95 24.79
N ARG C 39 10.14 8.25 24.57
CA ARG C 39 8.89 8.96 24.58
C ARG C 39 8.91 9.95 23.37
N PRO C 40 7.75 10.44 22.98
CA PRO C 40 7.76 11.57 22.06
C PRO C 40 8.72 12.63 22.61
N ARG C 41 9.52 13.18 21.73
CA ARG C 41 10.71 13.88 22.22
C ARG C 41 10.47 15.37 22.46
N ASP C 42 9.64 16.03 21.65
CA ASP C 42 9.42 17.46 21.76
C ASP C 42 7.93 17.75 21.71
N LYS C 43 7.59 19.03 21.89
CA LYS C 43 6.18 19.41 21.98
C LYS C 43 5.44 19.11 20.69
N GLN C 44 6.10 19.25 19.53
CA GLN C 44 5.44 18.87 18.28
C GLN C 44 5.14 17.39 18.23
N ASP C 45 6.07 16.55 18.68
CA ASP C 45 5.81 15.12 18.68
C ASP C 45 4.61 14.82 19.56
N TRP C 46 4.54 15.44 20.73
CA TRP C 46 3.42 15.18 21.62
C TRP C 46 2.10 15.65 21.03
N TYR C 47 2.10 16.83 20.41
CA TYR C 47 0.88 17.37 19.83
C TYR C 47 0.41 16.49 18.69
N GLU C 48 1.35 16.00 17.90
CA GLU C 48 0.99 15.16 16.77
C GLU C 48 0.25 13.90 17.21
N ILE C 49 0.76 13.21 18.23
CA ILE C 49 0.10 12.02 18.72
C ILE C 49 -1.19 12.38 19.45
N TYR C 50 -1.21 13.47 20.22
CA TYR C 50 -2.43 13.95 20.89
C TYR C 50 -3.56 14.13 19.89
N LEU C 51 -3.32 14.81 18.78
CA LEU C 51 -4.41 15.05 17.83
C LEU C 51 -4.94 13.74 17.29
N HIS C 52 -4.05 12.80 16.99
CA HIS C 52 -4.51 11.57 16.38
C HIS C 52 -5.25 10.72 17.42
N LEU C 53 -4.71 10.62 18.62
CA LEU C 53 -5.39 9.86 19.67
C LEU C 53 -6.72 10.48 20.02
N LYS C 54 -6.80 11.82 20.06
CA LYS C 54 -8.04 12.50 20.44
C LYS C 54 -9.17 12.12 19.52
N ARG C 55 -8.85 11.90 18.26
CA ARG C 55 -9.86 11.52 17.31
C ARG C 55 -10.33 10.10 17.54
N ILE C 56 -9.46 9.23 18.09
CA ILE C 56 -9.86 7.86 18.40
C ILE C 56 -10.60 7.79 19.74
N LEU C 57 -10.14 8.52 20.74
CA LEU C 57 -10.64 8.33 22.10
C LEU C 57 -11.62 9.37 22.61
N SER C 58 -11.61 10.59 22.10
CA SER C 58 -12.54 11.59 22.65
C SER C 58 -13.97 11.09 22.40
N GLY D 3 -4.74 11.59 -14.18
CA GLY D 3 -3.95 11.54 -12.97
C GLY D 3 -2.81 10.52 -13.03
N ALA D 4 -2.42 9.99 -11.88
CA ALA D 4 -1.34 9.00 -11.83
C ALA D 4 -1.59 8.03 -10.68
N LEU D 5 -1.14 6.77 -10.86
CA LEU D 5 -1.22 5.76 -9.80
C LEU D 5 0.18 5.52 -9.23
N PRO D 6 0.44 5.89 -7.99
CA PRO D 6 1.77 5.63 -7.39
C PRO D 6 2.01 4.14 -7.19
N LYS D 7 3.29 3.75 -7.30
CA LYS D 7 3.60 2.33 -7.30
C LYS D 7 3.35 1.70 -5.92
N GLY D 8 3.72 2.38 -4.83
CA GLY D 8 3.43 1.84 -3.51
C GLY D 8 1.94 1.70 -3.21
N LEU D 9 1.12 2.63 -3.69
CA LEU D 9 -0.33 2.50 -3.54
C LEU D 9 -0.84 1.31 -4.34
N SER D 10 -0.39 1.17 -5.59
CA SER D 10 -0.72 -0.01 -6.37
C SER D 10 -0.34 -1.28 -5.64
N ASP D 11 0.81 -1.29 -4.95
CA ASP D 11 1.20 -2.47 -4.16
C ASP D 11 0.21 -2.72 -3.03
N LEU D 12 -0.22 -1.66 -2.33
CA LEU D 12 -1.17 -1.81 -1.23
C LEU D 12 -2.51 -2.34 -1.72
N ILE D 13 -3.02 -1.76 -2.82
CA ILE D 13 -4.30 -2.20 -3.37
C ILE D 13 -4.27 -3.69 -3.69
N ALA D 14 -3.15 -4.18 -4.23
CA ALA D 14 -2.95 -5.58 -4.56
C ALA D 14 -2.69 -6.47 -3.36
N ASP D 15 -2.35 -5.91 -2.21
CA ASP D 15 -2.16 -6.72 -1.01
C ASP D 15 -3.46 -7.48 -0.74
N PRO D 16 -3.45 -8.81 -0.70
CA PRO D 16 -4.73 -9.53 -0.62
C PRO D 16 -5.46 -9.35 0.69
N THR D 17 -4.79 -8.92 1.75
CA THR D 17 -5.45 -8.71 3.03
C THR D 17 -5.77 -7.25 3.29
N LEU D 18 -4.84 -6.36 2.98
CA LEU D 18 -5.06 -4.95 3.24
C LEU D 18 -5.77 -4.23 2.10
N GLY D 19 -5.69 -4.74 0.88
CA GLY D 19 -6.11 -3.98 -0.29
C GLY D 19 -7.59 -3.94 -0.58
N PRO D 20 -8.33 -5.02 -0.31
CA PRO D 20 -9.74 -5.01 -0.73
C PRO D 20 -10.57 -3.91 -0.10
N GLN D 21 -10.19 -3.48 1.10
CA GLN D 21 -10.96 -2.47 1.81
C GLN D 21 -10.95 -1.14 1.11
N ILE D 22 -9.94 -0.89 0.26
CA ILE D 22 -9.67 0.43 -0.32
C ILE D 22 -10.62 0.65 -1.49
N THR D 23 -11.56 1.55 -1.31
CA THR D 23 -12.57 1.76 -2.33
C THR D 23 -11.97 2.58 -3.47
N PRO D 24 -12.63 2.58 -4.61
CA PRO D 24 -12.21 3.48 -5.71
C PRO D 24 -12.13 4.94 -5.30
N ASP D 25 -13.05 5.44 -4.47
CA ASP D 25 -12.91 6.81 -3.98
C ASP D 25 -11.57 7.00 -3.25
N TRP D 26 -11.18 6.02 -2.41
CA TRP D 26 -9.90 6.12 -1.70
C TRP D 26 -8.70 6.01 -2.66
N VAL D 27 -8.78 5.18 -3.71
CA VAL D 27 -7.72 5.18 -4.71
C VAL D 27 -7.50 6.60 -5.22
N ARG D 28 -8.58 7.25 -5.64
CA ARG D 28 -8.46 8.59 -6.19
C ARG D 28 -7.87 9.58 -5.18
N THR D 29 -8.37 9.54 -3.94
CA THR D 29 -7.91 10.45 -2.91
C THR D 29 -6.43 10.26 -2.63
N LEU D 30 -6.01 9.01 -2.39
CA LEU D 30 -4.63 8.75 -2.02
C LEU D 30 -3.69 9.06 -3.16
N SER D 31 -4.11 8.78 -4.39
CA SER D 31 -3.24 8.98 -5.53
CA SER D 31 -3.22 8.97 -5.51
C SER D 31 -2.85 10.44 -5.72
N ARG D 32 -3.57 11.37 -5.11
CA ARG D 32 -3.22 12.79 -5.24
C ARG D 32 -2.22 13.26 -4.21
N ILE D 33 -1.78 12.40 -3.30
CA ILE D 33 -0.88 12.80 -2.21
C ILE D 33 0.55 12.78 -2.72
N GLU D 34 1.17 13.96 -2.81
CA GLU D 34 2.57 14.01 -3.19
C GLU D 34 3.14 15.35 -2.77
N LEU D 35 4.43 15.37 -2.49
CA LEU D 35 5.14 16.58 -2.09
C LEU D 35 6.26 16.75 -3.09
N ARG D 36 6.18 17.80 -3.89
CA ARG D 36 7.22 18.05 -4.91
C ARG D 36 7.44 16.81 -5.75
N GLY D 37 6.34 16.12 -6.07
CA GLY D 37 6.39 15.00 -6.98
C GLY D 37 6.75 13.68 -6.34
N LYS D 38 7.04 13.66 -5.04
CA LYS D 38 7.47 12.48 -4.30
C LYS D 38 6.35 12.00 -3.40
N ARG D 39 6.29 10.70 -3.21
CA ARG D 39 5.14 10.08 -2.56
C ARG D 39 5.53 9.19 -1.40
N PRO D 40 4.57 8.84 -0.54
CA PRO D 40 4.80 7.77 0.44
C PRO D 40 5.47 6.62 -0.27
N ARG D 41 6.46 6.02 0.39
CA ARG D 41 7.45 5.25 -0.35
C ARG D 41 6.99 3.82 -0.60
N ASP D 42 6.30 3.20 0.35
CA ASP D 42 6.00 1.76 0.25
C ASP D 42 4.60 1.50 0.79
N LYS D 43 4.18 0.23 0.71
CA LYS D 43 2.84 -0.15 1.13
C LYS D 43 2.53 0.30 2.55
N GLN D 44 3.51 0.14 3.44
CA GLN D 44 3.30 0.45 4.86
C GLN D 44 3.07 1.93 5.05
N ASP D 45 3.83 2.77 4.35
CA ASP D 45 3.61 4.21 4.45
C ASP D 45 2.21 4.58 3.96
N TRP D 46 1.79 3.98 2.84
CA TRP D 46 0.46 4.30 2.33
C TRP D 46 -0.63 3.81 3.27
N TYR D 47 -0.48 2.60 3.83
CA TYR D 47 -1.49 2.08 4.74
C TYR D 47 -1.61 2.96 5.98
N GLU D 48 -0.47 3.40 6.51
CA GLU D 48 -0.46 4.25 7.69
C GLU D 48 -1.25 5.55 7.45
N ILE D 49 -1.02 6.20 6.30
CA ILE D 49 -1.71 7.41 5.88
C ILE D 49 -3.18 7.16 5.68
N TYR D 50 -3.52 6.11 4.91
CA TYR D 50 -4.89 5.76 4.64
C TYR D 50 -5.69 5.62 5.93
N LEU D 51 -5.15 4.89 6.91
CA LEU D 51 -5.90 4.67 8.14
C LEU D 51 -6.19 5.98 8.85
N HIS D 52 -5.21 6.88 8.94
CA HIS D 52 -5.42 8.13 9.63
C HIS D 52 -6.38 9.03 8.85
N LEU D 53 -6.20 9.13 7.54
CA LEU D 53 -7.09 9.99 6.75
C LEU D 53 -8.53 9.43 6.73
N LYS D 54 -8.68 8.11 6.73
CA LYS D 54 -10.00 7.52 6.72
C LYS D 54 -10.75 7.90 7.98
N ARG D 55 -10.04 8.00 9.08
CA ARG D 55 -10.69 8.41 10.30
C ARG D 55 -11.15 9.85 10.22
N ILE D 56 -10.37 10.69 9.54
CA ILE D 56 -10.72 12.10 9.45
C ILE D 56 -11.89 12.32 8.50
N LEU D 57 -11.87 11.67 7.33
CA LEU D 57 -12.86 11.87 6.27
C LEU D 57 -13.89 10.75 6.44
N SER D 58 -14.17 9.96 5.42
CA SER D 58 -15.15 8.91 5.66
C SER D 58 -14.48 7.54 5.81
N GLY E 3 -4.11 16.39 -12.22
CA GLY E 3 -5.53 16.11 -12.08
C GLY E 3 -5.79 14.79 -11.39
N ALA E 4 -7.06 14.49 -11.16
CA ALA E 4 -7.43 13.25 -10.48
C ALA E 4 -7.65 12.13 -11.49
N LEU E 5 -7.45 10.90 -11.02
CA LEU E 5 -7.74 9.76 -11.88
C LEU E 5 -9.23 9.71 -12.16
N PRO E 6 -9.64 9.40 -13.39
CA PRO E 6 -11.08 9.25 -13.66
C PRO E 6 -11.69 8.22 -12.73
N LYS E 7 -12.89 8.52 -12.24
CA LYS E 7 -13.60 7.57 -11.37
C LYS E 7 -13.67 6.17 -11.96
N GLY E 8 -14.11 6.02 -13.22
CA GLY E 8 -14.27 4.68 -13.78
C GLY E 8 -12.97 3.94 -13.86
N LEU E 9 -11.87 4.66 -14.07
CA LEU E 9 -10.56 4.04 -14.11
C LEU E 9 -10.09 3.68 -12.71
N SER E 10 -10.44 4.49 -11.71
CA SER E 10 -10.19 4.10 -10.33
CA SER E 10 -10.20 4.11 -10.31
C SER E 10 -11.01 2.86 -9.93
N ASP E 11 -12.20 2.71 -10.49
CA ASP E 11 -12.97 1.50 -10.23
C ASP E 11 -12.21 0.29 -10.72
N LEU E 12 -11.59 0.41 -11.91
CA LEU E 12 -10.82 -0.69 -12.49
C LEU E 12 -9.60 -0.97 -11.64
N ILE E 13 -8.88 0.08 -11.22
CA ILE E 13 -7.68 -0.12 -10.42
C ILE E 13 -7.99 -0.88 -9.14
N ALA E 14 -9.13 -0.57 -8.50
CA ALA E 14 -9.44 -1.21 -7.24
C ALA E 14 -10.09 -2.58 -7.38
N ASP E 15 -10.36 -3.04 -8.59
CA ASP E 15 -10.97 -4.35 -8.75
C ASP E 15 -9.96 -5.42 -8.39
N PRO E 16 -10.26 -6.34 -7.46
CA PRO E 16 -9.21 -7.26 -7.00
C PRO E 16 -8.70 -8.21 -8.07
N THR E 17 -9.48 -8.54 -9.09
CA THR E 17 -9.00 -9.42 -10.14
C THR E 17 -8.45 -8.66 -11.34
N LEU E 18 -9.09 -7.57 -11.78
CA LEU E 18 -8.61 -6.86 -12.97
C LEU E 18 -7.55 -5.82 -12.69
N GLY E 19 -7.61 -5.17 -11.51
CA GLY E 19 -6.72 -4.08 -11.22
C GLY E 19 -5.24 -4.38 -11.32
N PRO E 20 -4.80 -5.56 -10.83
CA PRO E 20 -3.35 -5.83 -10.84
C PRO E 20 -2.71 -5.74 -12.22
N GLN E 21 -3.48 -5.93 -13.29
CA GLN E 21 -2.93 -5.91 -14.63
C GLN E 21 -2.63 -4.51 -15.14
N ILE E 22 -3.23 -3.49 -14.54
CA ILE E 22 -3.18 -2.13 -15.07
C ILE E 22 -2.04 -1.41 -14.36
N THR E 23 -0.84 -1.53 -14.93
CA THR E 23 0.35 -0.89 -14.37
C THR E 23 0.16 0.63 -14.32
N PRO E 24 0.95 1.34 -13.51
CA PRO E 24 0.89 2.82 -13.54
C PRO E 24 1.08 3.43 -14.92
N ASP E 25 1.91 2.83 -15.77
CA ASP E 25 2.05 3.36 -17.12
C ASP E 25 0.78 3.26 -17.89
N TRP E 26 0.07 2.13 -17.76
CA TRP E 26 -1.17 1.98 -18.49
C TRP E 26 -2.23 2.91 -17.96
N VAL E 27 -2.20 3.18 -16.65
CA VAL E 27 -3.13 4.16 -16.10
C VAL E 27 -2.91 5.51 -16.74
N ARG E 28 -1.66 5.92 -16.87
CA ARG E 28 -1.39 7.21 -17.50
C ARG E 28 -1.82 7.21 -18.96
N THR E 29 -1.51 6.15 -19.70
CA THR E 29 -1.85 6.15 -21.13
C THR E 29 -3.35 6.20 -21.31
N LEU E 30 -4.08 5.42 -20.52
CA LEU E 30 -5.53 5.35 -20.65
C LEU E 30 -6.17 6.67 -20.27
N SER E 31 -5.66 7.30 -19.21
CA SER E 31 -6.33 8.48 -18.65
C SER E 31 -6.31 9.66 -19.61
N ARG E 32 -5.44 9.62 -20.65
CA ARG E 32 -5.32 10.71 -21.61
C ARG E 32 -6.31 10.61 -22.76
N ILE E 33 -7.16 9.61 -22.76
CA ILE E 33 -8.09 9.37 -23.86
C ILE E 33 -9.39 10.13 -23.59
N GLU E 34 -9.63 11.18 -24.37
CA GLU E 34 -10.83 11.99 -24.24
C GLU E 34 -11.08 12.70 -25.58
N LEU E 35 -12.35 13.02 -25.84
CA LEU E 35 -12.77 13.72 -27.06
C LEU E 35 -13.71 14.85 -26.67
N ARG E 36 -13.21 16.08 -26.71
CA ARG E 36 -13.99 17.26 -26.39
C ARG E 36 -14.87 17.07 -25.15
N GLY E 37 -14.31 16.48 -24.09
CA GLY E 37 -15.03 16.25 -22.86
C GLY E 37 -15.61 14.86 -22.72
N LYS E 38 -15.82 14.15 -23.83
CA LYS E 38 -16.30 12.78 -23.77
C LYS E 38 -15.18 11.81 -23.42
N ARG E 39 -15.52 10.75 -22.73
CA ARG E 39 -14.51 9.85 -22.18
C ARG E 39 -15.17 8.52 -21.88
N PRO E 40 -14.37 7.49 -21.63
CA PRO E 40 -14.95 6.26 -21.06
C PRO E 40 -15.50 6.55 -19.68
N ARG E 41 -16.48 5.77 -19.26
CA ARG E 41 -17.21 6.11 -18.05
C ARG E 41 -17.13 5.07 -16.95
N ASP E 42 -17.20 3.79 -17.27
CA ASP E 42 -17.17 2.79 -16.21
C ASP E 42 -16.00 1.83 -16.38
N LYS E 43 -15.82 0.95 -15.39
CA LYS E 43 -14.61 0.13 -15.42
C LYS E 43 -14.62 -0.80 -16.62
N GLN E 44 -15.80 -1.21 -17.08
CA GLN E 44 -15.88 -2.05 -18.27
C GLN E 44 -15.39 -1.30 -19.51
N ASP E 45 -15.80 -0.03 -19.68
CA ASP E 45 -15.32 0.79 -20.79
C ASP E 45 -13.80 0.80 -20.82
N TRP E 46 -13.19 1.07 -19.66
CA TRP E 46 -11.75 1.22 -19.57
C TRP E 46 -11.05 -0.10 -19.84
N TYR E 47 -11.59 -1.22 -19.32
CA TYR E 47 -10.92 -2.51 -19.50
C TYR E 47 -11.03 -2.99 -20.95
N GLU E 48 -12.17 -2.70 -21.59
CA GLU E 48 -12.36 -3.01 -23.01
C GLU E 48 -11.31 -2.31 -23.85
N ILE E 49 -11.07 -1.03 -23.58
CA ILE E 49 -10.06 -0.27 -24.31
C ILE E 49 -8.67 -0.80 -24.02
N TYR E 50 -8.32 -0.96 -22.73
CA TYR E 50 -7.03 -1.52 -22.33
C TYR E 50 -6.69 -2.80 -23.08
N LEU E 51 -7.63 -3.74 -23.13
CA LEU E 51 -7.31 -5.02 -23.76
C LEU E 51 -6.98 -4.84 -25.22
N HIS E 52 -7.73 -3.96 -25.92
CA HIS E 52 -7.53 -3.79 -27.35
C HIS E 52 -6.22 -3.05 -27.60
N LEU E 53 -5.96 -2.04 -26.80
CA LEU E 53 -4.78 -1.23 -27.00
C LEU E 53 -3.53 -1.99 -26.67
N LYS E 54 -3.54 -2.76 -25.59
CA LYS E 54 -2.36 -3.52 -25.23
C LYS E 54 -1.92 -4.42 -26.40
N ARG E 55 -2.90 -4.93 -27.15
CA ARG E 55 -2.57 -5.82 -28.26
C ARG E 55 -1.84 -5.05 -29.34
N ILE E 56 -2.12 -3.76 -29.47
CA ILE E 56 -1.60 -2.97 -30.58
C ILE E 56 -0.27 -2.31 -30.24
N LEU E 57 -0.11 -1.80 -29.03
CA LEU E 57 1.13 -1.14 -28.63
C LEU E 57 2.17 -2.17 -28.14
N LEU F 5 -16.18 -27.00 -25.40
CA LEU F 5 -15.86 -25.58 -25.44
C LEU F 5 -14.35 -25.36 -25.39
N PRO F 6 -13.85 -24.31 -26.05
CA PRO F 6 -12.43 -23.98 -25.92
C PRO F 6 -12.05 -23.69 -24.47
N LYS F 7 -10.86 -24.13 -24.06
CA LYS F 7 -10.44 -23.96 -22.67
C LYS F 7 -10.52 -22.49 -22.22
N GLY F 8 -10.04 -21.57 -23.05
CA GLY F 8 -10.01 -20.19 -22.62
C GLY F 8 -11.41 -19.62 -22.43
N LEU F 9 -12.39 -20.18 -23.14
CA LEU F 9 -13.77 -19.76 -22.95
C LEU F 9 -14.37 -20.33 -21.68
N SER F 10 -14.23 -21.62 -21.39
CA SER F 10 -14.75 -22.06 -20.09
CA SER F 10 -14.75 -22.06 -20.09
C SER F 10 -13.95 -21.43 -18.94
N ASP F 11 -12.69 -21.01 -19.18
CA ASP F 11 -11.98 -20.25 -18.15
C ASP F 11 -12.69 -18.92 -17.87
N LEU F 12 -13.13 -18.23 -18.94
CA LEU F 12 -13.91 -17.00 -18.75
C LEU F 12 -15.20 -17.29 -17.98
N ILE F 13 -15.93 -18.34 -18.35
CA ILE F 13 -17.13 -18.74 -17.63
C ILE F 13 -16.86 -19.03 -16.17
N ALA F 14 -15.66 -19.55 -15.86
CA ALA F 14 -15.29 -19.92 -14.50
C ALA F 14 -14.74 -18.76 -13.68
N ASP F 15 -14.56 -17.59 -14.29
CA ASP F 15 -14.00 -16.44 -13.57
C ASP F 15 -15.08 -15.86 -12.66
N PRO F 16 -14.81 -15.72 -11.35
CA PRO F 16 -15.88 -15.22 -10.46
C PRO F 16 -16.24 -13.77 -10.73
N THR F 17 -15.30 -12.97 -11.23
CA THR F 17 -15.56 -11.57 -11.58
C THR F 17 -16.23 -11.47 -12.95
N LEU F 18 -15.62 -12.06 -13.98
CA LEU F 18 -16.11 -11.90 -15.34
C LEU F 18 -17.12 -12.94 -15.76
N GLY F 19 -17.15 -14.10 -15.11
CA GLY F 19 -17.98 -15.20 -15.53
C GLY F 19 -19.48 -14.95 -15.44
N PRO F 20 -19.95 -14.38 -14.33
CA PRO F 20 -21.41 -14.26 -14.14
C PRO F 20 -22.07 -13.39 -15.20
N GLN F 21 -21.31 -12.53 -15.85
CA GLN F 21 -21.85 -11.66 -16.89
C GLN F 21 -22.28 -12.43 -18.12
N ILE F 22 -21.77 -13.64 -18.32
CA ILE F 22 -21.84 -14.30 -19.61
C ILE F 22 -22.97 -15.30 -19.60
N THR F 23 -24.05 -14.96 -20.29
CA THR F 23 -25.22 -15.82 -20.34
C THR F 23 -24.96 -17.02 -21.24
N PRO F 24 -25.78 -18.06 -21.10
CA PRO F 24 -25.69 -19.20 -22.05
C PRO F 24 -25.72 -18.78 -23.50
N ASP F 25 -26.53 -17.77 -23.83
CA ASP F 25 -26.62 -17.32 -25.21
C ASP F 25 -25.28 -16.76 -25.68
N TRP F 26 -24.59 -16.01 -24.80
CA TRP F 26 -23.28 -15.48 -25.15
C TRP F 26 -22.24 -16.59 -25.31
N VAL F 27 -22.29 -17.60 -24.46
CA VAL F 27 -21.41 -18.75 -24.64
C VAL F 27 -21.57 -19.34 -26.03
N ARG F 28 -22.82 -19.58 -26.45
CA ARG F 28 -23.03 -20.15 -27.78
C ARG F 28 -22.50 -19.23 -28.88
N THR F 29 -22.79 -17.94 -28.79
CA THR F 29 -22.32 -17.00 -29.79
C THR F 29 -20.80 -17.01 -29.88
N LEU F 30 -20.15 -16.95 -28.72
CA LEU F 30 -18.69 -16.89 -28.71
C LEU F 30 -18.07 -18.21 -29.20
N SER F 31 -18.65 -19.37 -28.84
CA SER F 31 -18.04 -20.65 -29.20
C SER F 31 -17.95 -20.84 -30.70
N ARG F 32 -18.76 -20.12 -31.46
CA ARG F 32 -18.68 -20.27 -32.89
C ARG F 32 -17.57 -19.43 -33.55
N ILE F 33 -16.80 -18.67 -32.81
CA ILE F 33 -15.78 -17.80 -33.39
C ILE F 33 -14.52 -18.64 -33.59
N GLU F 34 -14.27 -18.98 -34.84
CA GLU F 34 -13.24 -19.93 -35.24
C GLU F 34 -12.98 -19.71 -36.72
N LEU F 35 -11.72 -19.91 -37.13
CA LEU F 35 -11.26 -19.67 -38.49
C LEU F 35 -10.31 -20.81 -38.88
N ARG F 36 -10.87 -21.84 -39.50
CA ARG F 36 -10.09 -23.00 -39.94
C ARG F 36 -9.14 -23.46 -38.83
N GLY F 37 -9.67 -23.55 -37.62
CA GLY F 37 -8.93 -24.08 -36.49
C GLY F 37 -8.26 -23.04 -35.63
N LYS F 38 -8.12 -21.81 -36.13
CA LYS F 38 -7.63 -20.71 -35.31
C LYS F 38 -8.76 -20.15 -34.47
N ARG F 39 -8.42 -19.77 -33.25
CA ARG F 39 -9.43 -19.32 -32.30
C ARG F 39 -8.77 -18.40 -31.30
N PRO F 40 -9.55 -17.62 -30.55
CA PRO F 40 -9.02 -16.94 -29.37
C PRO F 40 -8.44 -17.98 -28.43
N ARG F 41 -7.46 -17.58 -27.65
CA ARG F 41 -6.57 -18.54 -27.02
C ARG F 41 -6.57 -18.55 -25.50
N ASP F 42 -7.08 -17.52 -24.86
CA ASP F 42 -7.11 -17.50 -23.40
C ASP F 42 -8.29 -16.66 -22.95
N LYS F 43 -8.49 -16.61 -21.64
CA LYS F 43 -9.68 -15.95 -21.12
C LYS F 43 -9.71 -14.48 -21.51
N GLN F 44 -8.55 -13.82 -21.50
CA GLN F 44 -8.54 -12.39 -21.79
C GLN F 44 -8.97 -12.13 -23.22
N ASP F 45 -8.52 -12.99 -24.15
CA ASP F 45 -8.92 -12.85 -25.54
C ASP F 45 -10.44 -12.93 -25.67
N TRP F 46 -11.05 -13.92 -25.01
CA TRP F 46 -12.48 -14.11 -25.11
C TRP F 46 -13.25 -12.96 -24.48
N TYR F 47 -12.76 -12.44 -23.35
CA TYR F 47 -13.47 -11.32 -22.74
C TYR F 47 -13.39 -10.05 -23.61
N GLU F 48 -12.23 -9.83 -24.21
CA GLU F 48 -12.02 -8.70 -25.12
C GLU F 48 -13.04 -8.73 -26.23
N ILE F 49 -13.21 -9.91 -26.85
CA ILE F 49 -14.18 -10.08 -27.92
C ILE F 49 -15.60 -9.89 -27.38
N TYR F 50 -15.92 -10.57 -26.27
CA TYR F 50 -17.23 -10.42 -25.66
C TYR F 50 -17.62 -8.95 -25.47
N LEU F 51 -16.73 -8.15 -24.86
CA LEU F 51 -17.07 -6.75 -24.56
C LEU F 51 -17.34 -5.98 -25.85
N HIS F 52 -16.53 -6.21 -26.87
CA HIS F 52 -16.71 -5.45 -28.10
C HIS F 52 -17.99 -5.86 -28.80
N LEU F 53 -18.21 -7.17 -28.96
CA LEU F 53 -19.43 -7.65 -29.61
C LEU F 53 -20.66 -7.21 -28.85
N LYS F 54 -20.60 -7.24 -27.52
CA LYS F 54 -21.77 -6.87 -26.71
C LYS F 54 -22.19 -5.44 -26.98
N ARG F 55 -21.22 -4.57 -27.19
CA ARG F 55 -21.50 -3.17 -27.44
C ARG F 55 -22.12 -2.97 -28.82
N ILE F 56 -21.66 -3.74 -29.79
CA ILE F 56 -22.18 -3.64 -31.15
C ILE F 56 -23.58 -4.23 -31.21
N LEU F 57 -23.83 -5.31 -30.47
CA LEU F 57 -25.12 -5.98 -30.46
C LEU F 57 -25.89 -5.57 -29.22
N ALA G 4 -1.05 -30.51 -9.96
CA ALA G 4 -0.49 -31.08 -8.75
C ALA G 4 0.41 -30.08 -8.02
N LEU G 5 1.14 -29.23 -8.74
CA LEU G 5 2.07 -28.31 -8.10
C LEU G 5 1.31 -27.16 -7.43
N PRO G 6 1.82 -26.63 -6.32
CA PRO G 6 1.30 -25.37 -5.81
C PRO G 6 1.27 -24.33 -6.93
N LYS G 7 0.21 -23.51 -6.95
CA LYS G 7 0.01 -22.55 -8.02
C LYS G 7 1.22 -21.63 -8.20
N GLY G 8 1.82 -21.18 -7.09
CA GLY G 8 2.93 -20.26 -7.20
C GLY G 8 4.14 -20.88 -7.86
N LEU G 9 4.33 -22.19 -7.69
CA LEU G 9 5.46 -22.82 -8.35
C LEU G 9 5.18 -23.04 -9.82
N SER G 10 3.93 -23.37 -10.17
CA SER G 10 3.58 -23.45 -11.58
C SER G 10 3.81 -22.10 -12.25
N ASP G 11 3.48 -21.02 -11.56
CA ASP G 11 3.73 -19.70 -12.11
C ASP G 11 5.22 -19.43 -12.25
N LEU G 12 6.03 -19.83 -11.25
CA LEU G 12 7.46 -19.62 -11.30
CA LEU G 12 7.46 -19.59 -11.31
C LEU G 12 8.07 -20.26 -12.54
N ILE G 13 7.69 -21.51 -12.82
CA ILE G 13 8.37 -22.24 -13.90
C ILE G 13 7.95 -21.72 -15.28
N ALA G 14 6.86 -20.95 -15.37
CA ALA G 14 6.45 -20.32 -16.60
C ALA G 14 6.92 -18.89 -16.73
N ASP G 15 7.59 -18.37 -15.69
CA ASP G 15 8.02 -16.98 -15.71
C ASP G 15 9.34 -16.89 -16.47
N PRO G 16 9.44 -15.97 -17.44
CA PRO G 16 10.65 -15.95 -18.26
C PRO G 16 11.88 -15.55 -17.51
N THR G 17 11.77 -14.82 -16.38
CA THR G 17 12.96 -14.41 -15.64
C THR G 17 13.38 -15.47 -14.62
N LEU G 18 12.42 -16.00 -13.86
CA LEU G 18 12.76 -16.92 -12.78
C LEU G 18 12.82 -18.39 -13.23
N GLY G 19 11.96 -18.79 -14.17
CA GLY G 19 11.86 -20.12 -14.71
C GLY G 19 13.16 -20.75 -15.14
N PRO G 20 14.00 -20.04 -15.90
CA PRO G 20 15.29 -20.64 -16.30
C PRO G 20 16.30 -20.75 -15.18
N GLN G 21 16.04 -20.16 -14.01
CA GLN G 21 17.02 -20.11 -12.95
C GLN G 21 16.83 -21.19 -11.90
N ILE G 22 15.79 -22.00 -12.02
CA ILE G 22 15.55 -23.08 -11.08
C ILE G 22 15.46 -24.38 -11.85
N THR G 23 15.91 -25.43 -11.23
CA THR G 23 15.89 -26.74 -11.87
C THR G 23 14.63 -27.52 -11.49
N PRO G 24 14.25 -28.53 -12.27
CA PRO G 24 13.09 -29.33 -11.88
C PRO G 24 13.22 -30.01 -10.52
N ASP G 25 14.42 -30.49 -10.17
CA ASP G 25 14.62 -31.09 -8.86
C ASP G 25 14.33 -30.10 -7.74
N TRP G 26 14.74 -28.85 -7.91
CA TRP G 26 14.43 -27.84 -6.89
C TRP G 26 12.94 -27.59 -6.78
N VAL G 27 12.24 -27.57 -7.92
CA VAL G 27 10.78 -27.42 -7.87
C VAL G 27 10.14 -28.54 -7.03
N ARG G 28 10.53 -29.80 -7.28
CA ARG G 28 10.02 -30.89 -6.47
C ARG G 28 10.33 -30.69 -4.99
N THR G 29 11.57 -30.35 -4.65
CA THR G 29 11.94 -30.12 -3.25
C THR G 29 11.05 -29.04 -2.60
N LEU G 30 10.89 -27.92 -3.28
CA LEU G 30 10.09 -26.83 -2.73
C LEU G 30 8.63 -27.24 -2.59
N SER G 31 8.14 -28.05 -3.55
CA SER G 31 6.73 -28.40 -3.54
C SER G 31 6.35 -29.17 -2.29
N ARG G 32 7.33 -29.70 -1.58
CA ARG G 32 7.07 -30.42 -0.36
C ARG G 32 7.04 -29.53 0.88
N ILE G 33 7.15 -28.22 0.77
CA ILE G 33 7.15 -27.36 1.94
C ILE G 33 5.73 -26.93 2.27
N GLU G 34 5.26 -27.31 3.45
CA GLU G 34 3.91 -27.01 3.90
C GLU G 34 3.81 -27.14 5.40
N LEU G 35 2.88 -26.39 5.98
CA LEU G 35 2.59 -26.46 7.41
C LEU G 35 1.07 -26.43 7.55
N ARG G 36 0.47 -27.59 7.78
CA ARG G 36 -0.98 -27.60 8.03
C ARG G 36 -1.78 -27.07 6.84
N GLY G 37 -1.31 -27.25 5.62
CA GLY G 37 -2.00 -26.62 4.52
C GLY G 37 -1.45 -25.26 4.12
N LYS G 38 -0.68 -24.60 4.98
CA LYS G 38 -0.13 -23.32 4.60
C LYS G 38 1.15 -23.50 3.80
N ARG G 39 1.25 -22.77 2.72
CA ARG G 39 2.34 -22.87 1.75
C ARG G 39 2.68 -21.44 1.36
N PRO G 40 3.90 -21.20 0.90
CA PRO G 40 4.21 -19.94 0.21
C PRO G 40 3.21 -19.73 -0.90
N ARG G 41 2.90 -18.47 -1.18
CA ARG G 41 1.82 -18.21 -2.13
C ARG G 41 2.30 -17.84 -3.52
N ASP G 42 2.98 -16.70 -3.72
CA ASP G 42 3.28 -16.30 -5.09
C ASP G 42 4.70 -16.69 -5.51
N LYS G 43 4.95 -16.54 -6.81
CA LYS G 43 6.19 -17.06 -7.40
C LYS G 43 7.41 -16.41 -6.75
N GLN G 44 7.32 -15.10 -6.45
CA GLN G 44 8.44 -14.38 -5.81
CA GLN G 44 8.49 -14.44 -5.84
C GLN G 44 8.77 -14.95 -4.44
N ASP G 45 7.73 -15.33 -3.69
CA ASP G 45 7.91 -15.94 -2.36
C ASP G 45 8.60 -17.30 -2.48
N TRP G 46 8.18 -18.11 -3.46
CA TRP G 46 8.85 -19.37 -3.70
C TRP G 46 10.30 -19.14 -4.12
N TYR G 47 10.55 -18.12 -4.94
CA TYR G 47 11.91 -17.88 -5.42
C TYR G 47 12.81 -17.42 -4.29
N GLU G 48 12.27 -16.60 -3.40
CA GLU G 48 13.01 -16.10 -2.22
C GLU G 48 13.49 -17.29 -1.39
N ILE G 49 12.59 -18.23 -1.11
CA ILE G 49 12.98 -19.44 -0.35
C ILE G 49 14.00 -20.26 -1.11
N TYR G 50 13.77 -20.47 -2.40
CA TYR G 50 14.69 -21.25 -3.20
C TYR G 50 16.12 -20.73 -3.10
N LEU G 51 16.30 -19.42 -3.32
CA LEU G 51 17.63 -18.85 -3.30
C LEU G 51 18.31 -19.09 -1.97
N HIS G 52 17.58 -18.91 -0.87
CA HIS G 52 18.19 -19.14 0.43
C HIS G 52 18.51 -20.62 0.66
N LEU G 53 17.56 -21.52 0.35
CA LEU G 53 17.78 -22.95 0.59
C LEU G 53 18.92 -23.49 -0.26
N LYS G 54 19.07 -23.00 -1.49
CA LYS G 54 20.13 -23.52 -2.36
C LYS G 54 21.50 -23.23 -1.78
N ARG G 55 21.64 -22.15 -1.02
CA ARG G 55 22.88 -21.85 -0.34
C ARG G 55 23.16 -22.77 0.84
N ILE G 56 22.16 -23.49 1.32
CA ILE G 56 22.28 -24.25 2.56
C ILE G 56 22.41 -25.76 2.33
N LEU G 57 21.54 -26.34 1.51
CA LEU G 57 21.51 -27.81 1.41
C LEU G 57 22.81 -28.37 0.85
N SER G 58 23.31 -29.43 1.50
CA SER G 58 24.49 -30.11 1.02
C SER G 58 24.53 -31.58 1.39
N ALA H 4 31.02 4.29 -6.40
CA ALA H 4 30.51 3.24 -7.27
C ALA H 4 29.58 2.29 -6.50
N LEU H 5 28.43 1.95 -7.08
CA LEU H 5 27.67 0.84 -6.53
C LEU H 5 28.41 -0.47 -6.78
N PRO H 6 28.25 -1.45 -5.89
CA PRO H 6 28.77 -2.80 -6.19
C PRO H 6 28.18 -3.26 -7.52
N LYS H 7 29.00 -3.97 -8.30
CA LYS H 7 28.63 -4.27 -9.69
C LYS H 7 27.41 -5.19 -9.74
N GLY H 8 27.28 -6.12 -8.81
CA GLY H 8 26.12 -6.97 -8.81
C GLY H 8 24.84 -6.21 -8.53
N LEU H 9 24.93 -5.15 -7.72
CA LEU H 9 23.74 -4.39 -7.39
C LEU H 9 23.37 -3.51 -8.56
N SER H 10 24.37 -2.95 -9.24
CA SER H 10 24.09 -2.22 -10.48
CA SER H 10 24.10 -2.22 -10.48
CA SER H 10 24.10 -2.22 -10.48
C SER H 10 23.43 -3.11 -11.48
N ASP H 11 23.86 -4.36 -11.61
CA ASP H 11 23.19 -5.30 -12.50
C ASP H 11 21.74 -5.52 -12.08
N LEU H 12 21.49 -5.73 -10.78
CA LEU H 12 20.15 -6.00 -10.30
C LEU H 12 19.18 -4.88 -10.67
N ILE H 13 19.60 -3.63 -10.48
CA ILE H 13 18.68 -2.51 -10.69
C ILE H 13 18.42 -2.31 -12.18
N ALA H 14 19.36 -2.76 -13.03
CA ALA H 14 19.20 -2.71 -14.47
C ALA H 14 18.39 -3.87 -15.04
N ASP H 15 18.13 -4.90 -14.27
CA ASP H 15 17.32 -6.00 -14.78
C ASP H 15 15.95 -5.44 -15.14
N PRO H 16 15.51 -5.59 -16.39
CA PRO H 16 14.23 -4.97 -16.79
C PRO H 16 13.03 -5.49 -16.01
N THR H 17 13.12 -6.67 -15.41
CA THR H 17 11.99 -7.25 -14.69
C THR H 17 12.15 -7.16 -13.18
N LEU H 18 13.34 -7.40 -12.66
CA LEU H 18 13.51 -7.38 -11.20
C LEU H 18 13.76 -5.96 -10.70
N GLY H 19 14.36 -5.12 -11.52
CA GLY H 19 14.80 -3.79 -11.11
C GLY H 19 13.68 -2.83 -10.76
N PRO H 20 12.60 -2.83 -11.53
CA PRO H 20 11.55 -1.81 -11.30
C PRO H 20 11.02 -1.77 -9.89
N GLN H 21 10.99 -2.92 -9.20
CA GLN H 21 10.43 -2.95 -7.85
C GLN H 21 11.35 -2.33 -6.80
N ILE H 22 12.66 -2.32 -7.05
CA ILE H 22 13.61 -1.81 -6.07
C ILE H 22 13.66 -0.29 -6.15
N THR H 23 13.33 0.38 -5.04
CA THR H 23 13.31 1.83 -4.99
C THR H 23 14.70 2.39 -4.70
N PRO H 24 14.92 3.69 -4.96
CA PRO H 24 16.20 4.31 -4.57
C PRO H 24 16.53 4.16 -3.10
N ASP H 25 15.52 4.16 -2.21
CA ASP H 25 15.79 3.90 -0.80
C ASP H 25 16.36 2.50 -0.58
N TRP H 26 15.80 1.49 -1.26
CA TRP H 26 16.34 0.13 -1.12
C TRP H 26 17.77 0.04 -1.66
N VAL H 27 18.06 0.75 -2.75
CA VAL H 27 19.43 0.72 -3.27
C VAL H 27 20.39 1.27 -2.24
N ARG H 28 20.05 2.39 -1.60
CA ARG H 28 20.93 2.95 -0.59
C ARG H 28 21.14 1.95 0.54
N THR H 29 20.06 1.37 1.05
CA THR H 29 20.16 0.41 2.14
C THR H 29 21.03 -0.77 1.74
N LEU H 30 20.76 -1.36 0.58
CA LEU H 30 21.55 -2.50 0.14
C LEU H 30 22.98 -2.09 -0.12
N SER H 31 23.18 -0.92 -0.73
CA SER H 31 24.51 -0.56 -1.20
C SER H 31 25.45 -0.48 -0.02
N ARG H 32 24.91 -0.28 1.15
CA ARG H 32 25.71 -0.31 2.37
C ARG H 32 26.42 -1.60 2.54
N ILE H 33 25.63 -2.62 2.41
CA ILE H 33 25.84 -3.93 3.04
C ILE H 33 27.27 -4.39 2.78
N GLU H 34 28.06 -4.42 3.86
CA GLU H 34 29.47 -4.81 3.77
C GLU H 34 30.06 -5.32 5.10
N LEU H 35 30.99 -6.30 5.00
CA LEU H 35 31.77 -6.78 6.16
C LEU H 35 33.26 -6.79 5.84
N ARG H 36 34.02 -5.84 6.42
CA ARG H 36 35.46 -5.72 6.16
C ARG H 36 35.75 -5.69 4.66
N GLY H 37 34.92 -4.97 3.92
CA GLY H 37 35.06 -4.88 2.49
C GLY H 37 34.36 -5.96 1.68
N LYS H 38 33.96 -7.06 2.32
CA LYS H 38 33.28 -8.14 1.60
C LYS H 38 31.82 -7.79 1.38
N ARG H 39 31.33 -8.00 0.17
CA ARG H 39 29.96 -7.67 -0.23
C ARG H 39 29.35 -8.84 -0.95
N PRO H 40 28.03 -8.90 -1.07
CA PRO H 40 27.42 -9.88 -1.98
C PRO H 40 28.02 -9.71 -3.37
N ARG H 41 28.09 -10.82 -4.11
CA ARG H 41 28.82 -10.84 -5.39
C ARG H 41 27.93 -10.42 -6.55
N ASP H 42 27.07 -11.30 -7.03
CA ASP H 42 26.37 -11.07 -8.29
C ASP H 42 24.90 -10.71 -8.06
N LYS H 43 24.24 -10.39 -9.18
CA LYS H 43 22.85 -9.93 -9.14
C LYS H 43 21.98 -10.87 -8.33
N GLN H 44 22.13 -12.20 -8.54
CA GLN H 44 21.24 -13.14 -7.84
CA GLN H 44 21.26 -13.14 -7.84
C GLN H 44 21.47 -13.08 -6.33
N ASP H 45 22.72 -12.86 -5.89
CA ASP H 45 22.99 -12.73 -4.44
C ASP H 45 22.34 -11.48 -3.86
N TRP H 46 22.41 -10.34 -4.57
CA TRP H 46 21.76 -9.13 -4.11
C TRP H 46 20.25 -9.29 -4.07
N TYR H 47 19.68 -9.95 -5.09
CA TYR H 47 18.24 -10.15 -5.10
C TYR H 47 17.80 -11.04 -3.94
N GLU H 48 18.59 -12.08 -3.65
CA GLU H 48 18.33 -12.95 -2.52
C GLU H 48 18.22 -12.15 -1.22
N ILE H 49 19.21 -11.28 -0.96
CA ILE H 49 19.24 -10.46 0.25
CA ILE H 49 19.19 -10.53 0.28
C ILE H 49 18.10 -9.47 0.28
N TYR H 50 17.85 -8.82 -0.88
CA TYR H 50 16.78 -7.85 -0.96
C TYR H 50 15.44 -8.47 -0.60
N LEU H 51 15.13 -9.64 -1.19
CA LEU H 51 13.85 -10.26 -0.92
C LEU H 51 13.68 -10.55 0.55
N HIS H 52 14.72 -11.08 1.18
CA HIS H 52 14.57 -11.41 2.60
C HIS H 52 14.47 -10.17 3.46
N LEU H 53 15.33 -9.16 3.21
CA LEU H 53 15.30 -7.97 4.05
C LEU H 53 14.00 -7.21 3.88
N LYS H 54 13.43 -7.21 2.66
CA LYS H 54 12.21 -6.44 2.43
C LYS H 54 11.07 -6.96 3.27
N ARG H 55 11.13 -8.23 3.62
CA ARG H 55 10.10 -8.86 4.42
C ARG H 55 10.22 -8.53 5.89
N ILE H 56 11.38 -8.04 6.32
CA ILE H 56 11.69 -7.86 7.73
C ILE H 56 11.57 -6.41 8.16
N LEU H 57 12.13 -5.48 7.40
CA LEU H 57 12.24 -4.10 7.88
C LEU H 57 10.88 -3.42 7.99
N SER H 58 10.64 -2.74 9.11
CA SER H 58 9.34 -2.09 9.35
C SER H 58 9.45 -0.94 10.36
#